data_3RRC
#
_entry.id   3RRC
#
_cell.length_a   59.500
_cell.length_b   66.970
_cell.length_c   91.830
_cell.angle_alpha   90.00
_cell.angle_beta   108.06
_cell.angle_gamma   90.00
#
_symmetry.space_group_name_H-M   'P 1 21 1'
#
loop_
_entity.id
_entity.type
_entity.pdbx_description
1 polymer 'Duffy receptor'
2 non-polymer 1,2-ETHANEDIOL
3 non-polymer 'PHOSPHATE ION'
4 water water
#
_entity_poly.entity_id   1
_entity_poly.type   'polypeptide(L)'
_entity_poly.pdbx_seq_one_letter_code
;MGNTVMKNCNYKRKRRERDWDCNTKKDVCIPDRRYQLCMKELTNLVNNTDTNFHRDITFRKLYLKRKLIYDAAVEGDLLL
KLNNYRYNKDFCKDIRWSLGDFGDIIMGTDMEGIGYSKVVENNLRSIFGTDEKAQQRRKQWWNESKAQIWTAMMYSVKKR
LKGNFIWICKLNVAVNIEPQIYRWIREWGRDYVSELPTEVQKLKEKCDGKINYTDKKVCKVPPCQNACKSYDQWITRKKN
QWDVLSNKFISVKNAEKVQTAGIVTPYDILKQELDEFNEVAFENEINKRDGAYIELCVCSVEEAKKNTQEVVTNVDN
;
_entity_poly.pdbx_strand_id   A,B
#
loop_
_chem_comp.id
_chem_comp.type
_chem_comp.name
_chem_comp.formula
EDO non-polymer 1,2-ETHANEDIOL 'C2 H6 O2'
PO4 non-polymer 'PHOSPHATE ION' 'O4 P -3'
#
# COMPACT_ATOMS: atom_id res chain seq x y z
N GLY A 2 -16.75 7.99 18.25
CA GLY A 2 -16.39 9.26 17.64
C GLY A 2 -15.63 10.19 18.59
N ASN A 3 -15.69 9.97 19.89
CA ASN A 3 -15.14 10.95 20.84
C ASN A 3 -13.68 10.74 21.28
N THR A 4 -13.08 9.62 20.88
CA THR A 4 -11.65 9.39 21.10
C THR A 4 -10.96 9.00 19.80
N VAL A 5 -9.64 8.92 19.82
CA VAL A 5 -8.87 8.51 18.63
C VAL A 5 -7.92 7.34 18.89
N MET A 6 -7.28 7.31 20.05
CA MET A 6 -6.28 6.29 20.32
C MET A 6 -6.83 5.13 21.15
N LYS A 7 -7.51 5.44 22.25
CA LYS A 7 -7.88 4.41 23.21
C LYS A 7 -8.69 3.31 22.55
N ASN A 8 -9.51 3.70 21.57
CA ASN A 8 -10.37 2.78 20.84
C ASN A 8 -9.65 1.99 19.73
N CYS A 9 -8.37 2.29 19.50
CA CYS A 9 -7.53 1.39 18.71
C CYS A 9 -6.73 0.46 19.60
N ASN A 10 -7.06 0.44 20.89
CA ASN A 10 -6.29 -0.35 21.85
C ASN A 10 -7.16 -1.30 22.67
N TYR A 11 -8.46 -1.04 22.73
CA TYR A 11 -9.37 -2.03 23.30
C TYR A 11 -10.81 -1.77 22.91
N LYS A 12 -11.59 -2.85 22.85
CA LYS A 12 -13.02 -2.80 22.52
C LYS A 12 -13.82 -3.18 23.76
N ARG A 13 -15.07 -2.74 23.83
CA ARG A 13 -16.01 -3.28 24.80
C ARG A 13 -16.51 -4.64 24.34
N LYS A 14 -16.96 -5.44 25.29
CA LYS A 14 -17.63 -6.69 24.97
C LYS A 14 -18.87 -6.36 24.15
N ARG A 15 -19.27 -7.28 23.30
CA ARG A 15 -20.38 -6.96 22.42
C ARG A 15 -21.68 -6.94 23.23
N ARG A 16 -22.56 -6.02 22.87
CA ARG A 16 -23.78 -5.74 23.64
C ARG A 16 -23.52 -5.10 25.01
N GLU A 17 -22.26 -4.86 25.35
CA GLU A 17 -21.95 -4.16 26.60
C GLU A 17 -22.58 -2.77 26.58
N ARG A 18 -22.79 -2.24 25.38
CA ARG A 18 -23.36 -0.91 25.25
C ARG A 18 -24.35 -0.92 24.09
N ASP A 19 -25.58 -0.50 24.35
CA ASP A 19 -26.64 -0.65 23.37
C ASP A 19 -26.56 0.41 22.27
N TRP A 20 -27.22 0.12 21.16
CA TRP A 20 -27.38 1.10 20.09
C TRP A 20 -27.81 2.46 20.61
N ASP A 21 -27.23 3.50 20.03
CA ASP A 21 -27.46 4.86 20.49
C ASP A 21 -28.36 5.61 19.49
N CYS A 22 -29.60 5.84 19.91
CA CYS A 22 -30.58 6.56 19.10
C CYS A 22 -30.69 8.04 19.50
N ASN A 23 -29.96 8.44 20.55
CA ASN A 23 -30.11 9.79 21.09
C ASN A 23 -29.19 10.86 20.51
N THR A 24 -28.01 10.47 20.05
CA THR A 24 -27.02 11.45 19.60
C THR A 24 -27.41 12.12 18.29
N LYS A 25 -27.77 11.34 17.29
CA LYS A 25 -28.34 11.88 16.05
C LYS A 25 -29.63 11.14 15.85
N LYS A 26 -30.75 11.85 16.02
CA LYS A 26 -31.99 11.15 16.29
C LYS A 26 -32.66 10.51 15.06
N ASP A 27 -32.17 10.78 13.85
CA ASP A 27 -32.71 10.07 12.67
C ASP A 27 -31.98 8.74 12.42
N VAL A 28 -31.05 8.36 13.29
CA VAL A 28 -30.40 7.06 13.14
C VAL A 28 -29.96 6.52 14.48
N CYS A 29 -29.78 5.20 14.56
CA CYS A 29 -29.21 4.56 15.74
C CYS A 29 -27.80 4.05 15.42
N ILE A 30 -26.84 4.29 16.31
CA ILE A 30 -25.44 4.00 16.03
C ILE A 30 -24.93 2.91 16.97
N PRO A 31 -24.33 1.87 16.39
CA PRO A 31 -23.82 0.74 17.17
C PRO A 31 -22.46 1.06 17.78
N ASP A 32 -22.23 0.49 18.95
CA ASP A 32 -21.02 0.77 19.70
C ASP A 32 -19.79 0.48 18.84
N ARG A 33 -19.86 -0.59 18.05
CA ARG A 33 -18.77 -0.99 17.19
C ARG A 33 -18.39 0.17 16.26
N ARG A 34 -19.38 0.86 15.71
CA ARG A 34 -19.07 1.96 14.80
C ARG A 34 -18.37 3.08 15.57
N TYR A 35 -18.90 3.41 16.73
CA TYR A 35 -18.26 4.41 17.59
C TYR A 35 -16.80 4.09 17.86
N GLN A 36 -16.48 2.80 17.97
CA GLN A 36 -15.12 2.43 18.36
C GLN A 36 -14.19 2.14 17.17
N LEU A 37 -14.72 2.22 15.97
CA LEU A 37 -13.95 1.94 14.77
C LEU A 37 -12.57 2.61 14.83
N CYS A 38 -11.53 1.82 14.69
CA CYS A 38 -10.16 2.35 14.73
C CYS A 38 -9.87 3.16 13.47
N MET A 39 -9.59 4.45 13.65
CA MET A 39 -9.21 5.33 12.54
C MET A 39 -8.06 6.23 12.97
N LYS A 40 -7.21 5.72 13.85
CA LYS A 40 -6.10 6.49 14.39
C LYS A 40 -5.24 7.12 13.27
N GLU A 41 -4.82 6.31 12.30
CA GLU A 41 -3.92 6.82 11.26
C GLU A 41 -4.71 7.75 10.34
N LEU A 42 -5.96 7.40 10.07
CA LEU A 42 -6.79 8.25 9.22
C LEU A 42 -6.93 9.62 9.88
N THR A 43 -7.02 9.66 11.20
CA THR A 43 -7.15 10.91 11.92
C THR A 43 -5.84 11.72 11.91
N ASN A 44 -4.71 11.03 12.11
CA ASN A 44 -3.40 11.68 12.17
C ASN A 44 -2.87 11.99 10.78
N LEU A 45 -3.76 12.16 9.83
CA LEU A 45 -3.39 12.24 8.43
C LEU A 45 -3.56 13.66 7.89
N THR A 58 0.23 12.90 -6.44
CA THR A 58 -0.22 13.25 -5.10
C THR A 58 0.80 12.77 -4.08
N PHE A 59 1.13 11.49 -4.18
CA PHE A 59 1.65 10.72 -3.07
C PHE A 59 0.67 10.68 -1.88
N ARG A 60 -0.18 11.68 -1.70
CA ARG A 60 -1.16 11.66 -0.61
C ARG A 60 -2.12 10.47 -0.74
N LYS A 61 -2.50 10.12 -1.96
CA LYS A 61 -3.37 8.96 -2.13
C LYS A 61 -2.66 7.65 -1.77
N LEU A 62 -1.37 7.55 -2.10
CA LEU A 62 -0.58 6.38 -1.72
C LEU A 62 -0.45 6.34 -0.21
N TYR A 63 -0.26 7.50 0.40
CA TYR A 63 -0.10 7.57 1.83
C TYR A 63 -1.43 7.19 2.49
N LEU A 64 -2.54 7.65 1.90
CA LEU A 64 -3.88 7.29 2.38
C LEU A 64 -4.07 5.78 2.43
N LYS A 65 -3.71 5.10 1.36
CA LYS A 65 -3.91 3.65 1.30
C LYS A 65 -3.11 2.94 2.38
N ARG A 66 -1.88 3.38 2.62
CA ARG A 66 -1.10 2.82 3.73
C ARG A 66 -1.79 3.05 5.07
N LYS A 67 -2.31 4.25 5.29
CA LYS A 67 -2.90 4.61 6.57
C LYS A 67 -4.19 3.83 6.81
N LEU A 68 -4.93 3.55 5.74
CA LEU A 68 -6.20 2.86 5.81
C LEU A 68 -5.95 1.37 6.03
N ILE A 69 -4.84 0.86 5.49
CA ILE A 69 -4.48 -0.53 5.65
C ILE A 69 -4.08 -0.78 7.10
N TYR A 70 -3.34 0.15 7.70
CA TYR A 70 -2.92 0.00 9.09
C TYR A 70 -4.12 0.08 10.06
N ASP A 71 -5.00 1.03 9.85
CA ASP A 71 -6.18 1.15 10.72
C ASP A 71 -7.06 -0.09 10.62
N ALA A 72 -7.19 -0.60 9.40
CA ALA A 72 -8.03 -1.74 9.11
C ALA A 72 -7.48 -3.02 9.73
N ALA A 73 -6.15 -3.15 9.74
CA ALA A 73 -5.52 -4.32 10.30
C ALA A 73 -5.66 -4.28 11.81
N VAL A 74 -5.55 -3.08 12.38
CA VAL A 74 -5.69 -2.94 13.81
C VAL A 74 -7.15 -3.23 14.20
N GLU A 75 -8.11 -2.72 13.42
CA GLU A 75 -9.53 -3.00 13.66
C GLU A 75 -9.78 -4.50 13.59
N GLY A 76 -9.35 -5.13 12.51
CA GLY A 76 -9.61 -6.55 12.31
C GLY A 76 -9.01 -7.42 13.40
N ASP A 77 -7.93 -6.95 14.02
CA ASP A 77 -7.24 -7.75 15.02
C ASP A 77 -7.94 -7.62 16.37
N LEU A 78 -8.46 -6.43 16.63
CA LEU A 78 -9.20 -6.18 17.86
C LEU A 78 -10.53 -6.95 17.87
N LEU A 79 -11.11 -7.09 16.68
CA LEU A 79 -12.36 -7.83 16.51
C LEU A 79 -12.12 -9.34 16.66
N LEU A 80 -10.92 -9.80 16.33
CA LEU A 80 -10.56 -11.19 16.56
C LEU A 80 -10.50 -11.40 18.07
N LYS A 81 -9.74 -10.54 18.76
CA LYS A 81 -9.61 -10.64 20.20
C LYS A 81 -10.98 -10.50 20.90
N LEU A 82 -11.89 -9.78 20.26
CA LEU A 82 -13.23 -9.58 20.81
C LEU A 82 -14.01 -10.88 20.70
N ASN A 83 -13.79 -11.58 19.59
CA ASN A 83 -14.39 -12.87 19.39
C ASN A 83 -13.59 -14.00 20.06
N ASN A 84 -12.72 -13.64 20.99
CA ASN A 84 -11.88 -14.61 21.72
C ASN A 84 -11.01 -15.46 20.78
N TYR A 85 -10.53 -14.81 19.72
CA TYR A 85 -9.67 -15.43 18.72
C TYR A 85 -10.34 -16.59 17.99
N ARG A 86 -11.66 -16.68 18.07
CA ARG A 86 -12.38 -17.71 17.33
C ARG A 86 -12.64 -17.26 15.89
N TYR A 87 -12.33 -18.14 14.94
CA TYR A 87 -12.59 -17.84 13.53
C TYR A 87 -13.91 -18.47 13.12
N ASN A 88 -14.98 -17.69 13.23
CA ASN A 88 -16.33 -18.17 12.93
C ASN A 88 -17.19 -17.04 12.38
N LYS A 89 -18.47 -17.34 12.17
CA LYS A 89 -19.39 -16.45 11.48
C LYS A 89 -19.52 -15.09 12.17
N ASP A 90 -19.64 -15.08 13.49
CA ASP A 90 -19.75 -13.84 14.24
C ASP A 90 -18.54 -12.95 13.94
N PHE A 91 -17.35 -13.54 13.98
CA PHE A 91 -16.17 -12.79 13.59
C PHE A 91 -16.29 -12.26 12.15
N CYS A 92 -16.67 -13.12 11.22
CA CYS A 92 -16.76 -12.70 9.81
C CYS A 92 -17.75 -11.56 9.60
N LYS A 93 -18.86 -11.61 10.33
CA LYS A 93 -19.87 -10.58 10.21
C LYS A 93 -19.29 -9.27 10.69
N ASP A 94 -18.57 -9.32 11.80
CA ASP A 94 -17.99 -8.12 12.39
C ASP A 94 -17.01 -7.50 11.41
N ILE A 95 -16.21 -8.35 10.78
CA ILE A 95 -15.26 -7.89 9.77
C ILE A 95 -16.03 -7.14 8.70
N ARG A 96 -17.10 -7.76 8.22
CA ARG A 96 -17.92 -7.18 7.17
C ARG A 96 -18.52 -5.82 7.57
N TRP A 97 -19.04 -5.72 8.80
CA TRP A 97 -19.65 -4.47 9.26
C TRP A 97 -18.61 -3.39 9.33
N SER A 98 -17.45 -3.69 9.91
CA SER A 98 -16.42 -2.67 10.04
C SER A 98 -15.82 -2.31 8.68
N LEU A 99 -15.67 -3.29 7.80
CA LEU A 99 -15.15 -3.03 6.46
C LEU A 99 -16.09 -2.06 5.76
N GLY A 100 -17.38 -2.35 5.88
CA GLY A 100 -18.44 -1.58 5.24
C GLY A 100 -18.42 -0.16 5.73
N ASP A 101 -18.24 0.04 7.03
CA ASP A 101 -18.16 1.39 7.58
C ASP A 101 -16.91 2.13 7.10
N PHE A 102 -15.77 1.44 7.03
CA PHE A 102 -14.59 2.10 6.42
C PHE A 102 -14.99 2.61 5.04
N GLY A 103 -15.64 1.75 4.26
CA GLY A 103 -16.06 2.13 2.92
C GLY A 103 -16.85 3.42 2.92
N ASP A 104 -17.84 3.52 3.81
CA ASP A 104 -18.68 4.70 3.81
C ASP A 104 -17.92 5.93 4.27
N ILE A 105 -16.98 5.73 5.20
CA ILE A 105 -16.17 6.84 5.67
C ILE A 105 -15.37 7.35 4.46
N ILE A 106 -14.74 6.43 3.73
CA ILE A 106 -13.96 6.82 2.53
C ILE A 106 -14.89 7.50 1.50
N MET A 107 -16.05 6.92 1.25
CA MET A 107 -16.96 7.40 0.22
C MET A 107 -17.73 8.67 0.62
N GLY A 108 -17.70 9.02 1.91
CA GLY A 108 -18.39 10.20 2.39
C GLY A 108 -19.89 9.99 2.59
N THR A 109 -20.30 8.74 2.85
CA THR A 109 -21.69 8.38 3.05
C THR A 109 -21.91 7.73 4.42
N ASP A 110 -21.01 7.98 5.37
CA ASP A 110 -21.15 7.47 6.72
C ASP A 110 -22.15 8.31 7.53
N MET A 111 -23.01 7.65 8.29
CA MET A 111 -24.07 8.31 9.04
C MET A 111 -23.66 8.72 10.45
N GLU A 112 -22.53 8.24 10.94
CA GLU A 112 -22.08 8.65 12.27
C GLU A 112 -21.65 10.14 12.25
N GLY A 113 -20.52 10.46 11.63
CA GLY A 113 -20.08 11.85 11.48
C GLY A 113 -19.89 12.59 12.80
N ILE A 114 -19.53 11.86 13.85
CA ILE A 114 -19.31 12.46 15.17
C ILE A 114 -17.82 12.56 15.50
N GLY A 115 -17.44 13.70 16.06
CA GLY A 115 -16.12 13.85 16.66
C GLY A 115 -14.97 13.72 15.68
N TYR A 116 -14.14 12.70 15.90
CA TYR A 116 -12.94 12.51 15.09
C TYR A 116 -13.25 12.02 13.69
N SER A 117 -14.47 11.53 13.49
CA SER A 117 -14.95 11.17 12.16
C SER A 117 -15.09 12.41 11.28
N LYS A 118 -15.30 13.56 11.91
CA LYS A 118 -15.39 14.82 11.17
C LYS A 118 -14.00 15.23 10.69
N VAL A 119 -12.98 14.90 11.48
CA VAL A 119 -11.62 15.23 11.12
C VAL A 119 -11.20 14.37 9.94
N VAL A 120 -11.64 13.13 9.96
CA VAL A 120 -11.32 12.20 8.90
C VAL A 120 -12.03 12.64 7.63
N GLU A 121 -13.30 13.04 7.74
CA GLU A 121 -13.98 13.57 6.57
C GLU A 121 -13.21 14.80 6.04
N ASN A 122 -12.67 15.64 6.93
CA ASN A 122 -11.92 16.80 6.45
C ASN A 122 -10.64 16.38 5.73
N ASN A 123 -9.91 15.45 6.33
CA ASN A 123 -8.70 14.93 5.72
C ASN A 123 -9.00 14.41 4.31
N LEU A 124 -10.08 13.67 4.15
CA LEU A 124 -10.40 13.13 2.83
C LEU A 124 -10.72 14.24 1.86
N ARG A 125 -11.38 15.30 2.33
CA ARG A 125 -11.73 16.42 1.45
C ARG A 125 -10.50 17.16 0.94
N SER A 126 -9.48 17.28 1.77
CA SER A 126 -8.26 17.97 1.33
C SER A 126 -7.49 17.07 0.38
N ILE A 127 -7.73 15.76 0.43
CA ILE A 127 -7.04 14.85 -0.47
C ILE A 127 -7.75 14.73 -1.81
N PHE A 128 -9.07 14.66 -1.81
CA PHE A 128 -9.82 14.36 -3.04
C PHE A 128 -10.49 15.59 -3.65
N GLY A 129 -10.69 16.61 -2.83
CA GLY A 129 -11.43 17.79 -3.27
C GLY A 129 -12.84 17.82 -2.71
N THR A 130 -13.63 18.79 -3.17
CA THR A 130 -15.00 18.93 -2.70
C THR A 130 -15.97 19.16 -3.85
N ASP A 131 -15.44 19.29 -5.07
CA ASP A 131 -16.28 19.55 -6.24
C ASP A 131 -17.30 18.44 -6.41
N GLU A 132 -18.25 18.64 -7.32
CA GLU A 132 -19.33 17.68 -7.53
C GLU A 132 -18.80 16.28 -7.80
N LYS A 133 -17.76 16.20 -8.62
CA LYS A 133 -17.23 14.91 -9.05
C LYS A 133 -16.18 14.35 -8.10
N ALA A 134 -15.89 15.06 -7.01
CA ALA A 134 -14.99 14.54 -6.00
C ALA A 134 -15.56 13.26 -5.38
N GLN A 135 -16.84 13.28 -5.03
CA GLN A 135 -17.43 12.13 -4.39
C GLN A 135 -17.37 10.94 -5.35
N GLN A 136 -17.38 11.23 -6.64
CA GLN A 136 -17.26 10.21 -7.66
C GLN A 136 -15.88 9.58 -7.58
N ARG A 137 -14.85 10.41 -7.43
CA ARG A 137 -13.48 9.92 -7.32
C ARG A 137 -13.34 9.00 -6.12
N ARG A 138 -13.89 9.45 -5.00
CA ARG A 138 -13.86 8.68 -3.75
C ARG A 138 -14.47 7.29 -3.89
N LYS A 139 -15.65 7.24 -4.50
CA LYS A 139 -16.35 5.99 -4.71
C LYS A 139 -15.50 5.06 -5.56
N GLN A 140 -14.86 5.61 -6.59
CA GLN A 140 -14.03 4.82 -7.49
C GLN A 140 -12.82 4.28 -6.76
N TRP A 141 -12.20 5.13 -5.95
CA TRP A 141 -11.01 4.74 -5.20
C TRP A 141 -11.33 3.62 -4.21
N TRP A 142 -12.51 3.67 -3.61
CA TRP A 142 -12.91 2.65 -2.66
C TRP A 142 -13.09 1.30 -3.36
N ASN A 143 -13.77 1.31 -4.51
CA ASN A 143 -13.92 0.09 -5.31
C ASN A 143 -12.58 -0.58 -5.60
N GLU A 144 -11.58 0.23 -5.87
CA GLU A 144 -10.28 -0.29 -6.28
C GLU A 144 -9.45 -0.71 -5.08
N SER A 145 -9.92 -0.37 -3.88
CA SER A 145 -9.13 -0.61 -2.68
C SER A 145 -9.75 -1.62 -1.73
N LYS A 146 -11.05 -1.86 -1.87
CA LYS A 146 -11.80 -2.62 -0.84
C LYS A 146 -11.28 -4.04 -0.62
N ALA A 147 -10.83 -4.67 -1.70
CA ALA A 147 -10.29 -6.03 -1.62
C ALA A 147 -9.09 -6.07 -0.67
N GLN A 148 -8.24 -5.06 -0.78
CA GLN A 148 -6.98 -5.01 -0.04
C GLN A 148 -7.25 -4.72 1.42
N ILE A 149 -8.24 -3.86 1.65
CA ILE A 149 -8.63 -3.51 3.00
C ILE A 149 -9.17 -4.75 3.67
N TRP A 150 -10.00 -5.51 2.95
CA TRP A 150 -10.56 -6.74 3.50
C TRP A 150 -9.41 -7.69 3.83
N THR A 151 -8.53 -7.91 2.87
CA THR A 151 -7.34 -8.71 3.08
C THR A 151 -6.62 -8.27 4.34
N ALA A 152 -6.47 -6.96 4.52
CA ALA A 152 -5.74 -6.41 5.65
C ALA A 152 -6.45 -6.75 6.95
N MET A 153 -7.78 -6.62 6.97
CA MET A 153 -8.54 -6.99 8.15
C MET A 153 -8.44 -8.50 8.40
N MET A 154 -8.36 -9.28 7.33
CA MET A 154 -8.29 -10.75 7.42
C MET A 154 -6.85 -11.26 7.55
N TYR A 155 -5.89 -10.34 7.61
CA TYR A 155 -4.48 -10.71 7.61
C TYR A 155 -4.14 -11.57 8.83
N SER A 156 -4.49 -11.06 10.01
CA SER A 156 -4.21 -11.78 11.25
C SER A 156 -4.83 -13.18 11.22
N VAL A 157 -5.75 -13.41 10.29
CA VAL A 157 -6.37 -14.73 10.13
C VAL A 157 -5.87 -15.39 8.84
N CYS A 169 -14.55 -16.67 6.41
CA CYS A 169 -15.35 -15.65 5.75
C CYS A 169 -15.28 -15.83 4.24
N LYS A 170 -16.00 -14.98 3.52
CA LYS A 170 -16.07 -15.05 2.08
C LYS A 170 -15.81 -13.67 1.51
N LEU A 171 -14.60 -13.44 1.02
CA LEU A 171 -14.16 -12.12 0.59
C LEU A 171 -15.21 -11.43 -0.29
N ASN A 172 -15.60 -12.07 -1.38
CA ASN A 172 -16.50 -11.44 -2.34
C ASN A 172 -17.88 -11.19 -1.74
N VAL A 173 -18.26 -12.01 -0.77
CA VAL A 173 -19.55 -11.84 -0.09
C VAL A 173 -19.57 -10.54 0.70
N ALA A 174 -18.40 -10.15 1.20
CA ALA A 174 -18.27 -8.93 1.99
C ALA A 174 -18.18 -7.70 1.09
N VAL A 175 -17.32 -7.79 0.09
CA VAL A 175 -17.01 -6.66 -0.78
C VAL A 175 -18.24 -6.06 -1.48
N ASN A 176 -19.29 -6.86 -1.64
CA ASN A 176 -20.55 -6.35 -2.21
C ASN A 176 -21.02 -5.10 -1.48
N ILE A 177 -21.08 -3.98 -2.19
CA ILE A 177 -21.46 -2.73 -1.58
C ILE A 177 -22.97 -2.69 -1.32
N GLU A 178 -23.31 -2.29 -0.10
CA GLU A 178 -24.68 -2.21 0.36
C GLU A 178 -24.79 -0.90 1.12
N PRO A 179 -25.96 -0.22 1.05
CA PRO A 179 -25.98 1.02 1.83
C PRO A 179 -25.77 0.75 3.31
N GLN A 180 -25.23 1.74 4.03
CA GLN A 180 -24.86 1.52 5.43
C GLN A 180 -26.10 1.18 6.27
N ILE A 181 -27.21 1.84 6.01
CA ILE A 181 -28.42 1.55 6.79
C ILE A 181 -28.87 0.09 6.63
N TYR A 182 -28.72 -0.48 5.43
CA TYR A 182 -28.98 -1.92 5.27
C TYR A 182 -28.10 -2.75 6.22
N ARG A 183 -26.79 -2.51 6.16
CA ARG A 183 -25.86 -3.31 6.95
C ARG A 183 -26.13 -3.11 8.46
N TRP A 184 -26.43 -1.90 8.91
CA TRP A 184 -26.63 -1.66 10.34
C TRP A 184 -27.91 -2.37 10.79
N ILE A 185 -28.87 -2.53 9.88
CA ILE A 185 -30.06 -3.30 10.22
C ILE A 185 -29.77 -4.80 10.40
N ARG A 186 -28.86 -5.33 9.58
CA ARG A 186 -28.44 -6.71 9.73
C ARG A 186 -27.76 -6.91 11.09
N GLU A 187 -26.85 -6.00 11.41
CA GLU A 187 -26.13 -6.03 12.68
C GLU A 187 -27.10 -5.92 13.85
N TRP A 188 -28.02 -4.95 13.73
CA TRP A 188 -29.04 -4.78 14.75
C TRP A 188 -29.86 -6.06 14.96
N GLY A 189 -30.28 -6.68 13.87
CA GLY A 189 -31.07 -7.90 13.93
C GLY A 189 -30.34 -8.98 14.71
N ARG A 190 -29.06 -9.16 14.41
CA ARG A 190 -28.28 -10.21 15.05
C ARG A 190 -28.14 -9.91 16.54
N ASP A 191 -28.00 -8.64 16.89
CA ASP A 191 -27.98 -8.28 18.29
C ASP A 191 -29.33 -8.62 18.97
N TYR A 192 -30.44 -8.33 18.28
CA TYR A 192 -31.76 -8.50 18.88
C TYR A 192 -32.02 -9.98 19.17
N VAL A 193 -31.76 -10.85 18.20
CA VAL A 193 -32.05 -12.26 18.40
C VAL A 193 -31.07 -12.90 19.38
N SER A 194 -29.91 -12.29 19.59
CA SER A 194 -28.99 -12.76 20.64
C SER A 194 -29.41 -12.30 22.03
N GLU A 195 -30.01 -11.10 22.11
CA GLU A 195 -30.43 -10.56 23.39
C GLU A 195 -31.75 -11.15 23.88
N LEU A 196 -32.65 -11.43 22.94
CA LEU A 196 -33.99 -11.82 23.30
C LEU A 196 -34.06 -13.06 24.23
N PRO A 197 -33.37 -14.16 23.89
CA PRO A 197 -33.44 -15.34 24.76
C PRO A 197 -32.90 -15.09 26.16
N THR A 198 -31.82 -14.34 26.27
CA THR A 198 -31.29 -13.99 27.58
C THR A 198 -32.30 -13.22 28.42
N GLU A 199 -32.94 -12.21 27.81
CA GLU A 199 -33.89 -11.36 28.51
C GLU A 199 -35.13 -12.15 28.92
N VAL A 200 -35.60 -13.02 28.04
CA VAL A 200 -36.77 -13.82 28.34
C VAL A 200 -36.43 -14.82 29.45
N GLN A 201 -35.22 -15.41 29.39
CA GLN A 201 -34.82 -16.36 30.42
C GLN A 201 -34.74 -15.68 31.82
N LYS A 202 -34.19 -14.46 31.86
CA LYS A 202 -34.14 -13.69 33.11
C LYS A 202 -35.55 -13.48 33.68
N LEU A 203 -36.47 -13.14 32.80
CA LEU A 203 -37.85 -12.94 33.21
C LEU A 203 -38.41 -14.22 33.80
N LYS A 204 -38.18 -15.31 33.08
CA LYS A 204 -38.74 -16.58 33.46
C LYS A 204 -38.28 -16.99 34.84
N GLU A 205 -37.00 -16.77 35.11
CA GLU A 205 -36.42 -17.21 36.39
C GLU A 205 -37.01 -16.46 37.58
N LYS A 206 -37.56 -15.27 37.36
CA LYS A 206 -38.15 -14.52 38.46
C LYS A 206 -39.68 -14.62 38.47
N CYS A 207 -40.30 -14.78 37.31
CA CYS A 207 -41.74 -14.48 37.17
C CYS A 207 -42.59 -15.69 36.79
N ASP A 208 -41.99 -16.83 36.51
CA ASP A 208 -42.78 -17.93 35.97
C ASP A 208 -43.91 -18.39 36.93
N GLY A 209 -45.10 -18.53 36.37
CA GLY A 209 -46.21 -19.09 37.11
C GLY A 209 -46.80 -18.13 38.11
N LYS A 210 -47.35 -18.70 39.19
CA LYS A 210 -48.23 -17.98 40.10
C LYS A 210 -47.75 -18.04 41.54
N ILE A 211 -48.22 -17.07 42.33
CA ILE A 211 -47.88 -16.95 43.72
C ILE A 211 -48.99 -17.61 44.57
N ASN A 212 -50.18 -17.69 43.98
CA ASN A 212 -51.28 -18.47 44.55
C ASN A 212 -52.13 -19.03 43.42
N TYR A 213 -53.32 -19.53 43.74
CA TYR A 213 -54.13 -20.24 42.76
C TYR A 213 -54.57 -19.32 41.60
N THR A 214 -54.67 -18.01 41.85
CA THR A 214 -55.16 -17.14 40.79
C THR A 214 -54.12 -16.13 40.27
N ASP A 215 -53.27 -15.64 41.15
CA ASP A 215 -52.46 -14.46 40.82
C ASP A 215 -51.05 -14.80 40.29
N LYS A 216 -50.72 -14.25 39.13
CA LYS A 216 -49.38 -14.39 38.59
C LYS A 216 -48.39 -13.77 39.56
N LYS A 217 -47.15 -14.28 39.56
CA LYS A 217 -46.13 -13.73 40.44
C LYS A 217 -45.96 -12.22 40.27
N VAL A 218 -46.15 -11.70 39.06
CA VAL A 218 -45.92 -10.25 38.86
C VAL A 218 -46.90 -9.40 39.66
N CYS A 219 -48.05 -9.98 39.99
CA CYS A 219 -49.06 -9.28 40.77
C CYS A 219 -48.52 -8.83 42.14
N LYS A 220 -47.61 -9.62 42.74
CA LYS A 220 -47.19 -9.32 44.12
C LYS A 220 -45.70 -9.53 44.48
N VAL A 221 -44.92 -10.17 43.61
CA VAL A 221 -43.55 -10.54 43.97
C VAL A 221 -42.56 -9.47 43.48
N PRO A 222 -41.90 -8.77 44.41
CA PRO A 222 -41.05 -7.64 44.00
C PRO A 222 -39.92 -8.02 43.04
N PRO A 223 -39.19 -9.13 43.30
CA PRO A 223 -38.15 -9.45 42.31
C PRO A 223 -38.72 -9.71 40.92
N CYS A 224 -39.94 -10.22 40.83
CA CYS A 224 -40.56 -10.45 39.52
C CYS A 224 -40.90 -9.11 38.92
N GLN A 225 -41.45 -8.22 39.74
CA GLN A 225 -41.78 -6.85 39.29
C GLN A 225 -40.56 -6.09 38.80
N ASN A 226 -39.46 -6.20 39.54
CA ASN A 226 -38.18 -5.64 39.12
C ASN A 226 -37.76 -6.17 37.76
N ALA A 227 -37.87 -7.50 37.60
CA ALA A 227 -37.45 -8.19 36.39
C ALA A 227 -38.28 -7.70 35.20
N CYS A 228 -39.59 -7.59 35.39
CA CYS A 228 -40.48 -7.13 34.32
C CYS A 228 -40.18 -5.68 33.95
N LYS A 229 -39.81 -4.86 34.93
CA LYS A 229 -39.49 -3.46 34.62
C LYS A 229 -38.20 -3.42 33.83
N SER A 230 -37.26 -4.28 34.19
CA SER A 230 -36.00 -4.32 33.47
C SER A 230 -36.24 -4.80 32.02
N TYR A 231 -37.10 -5.79 31.85
CA TYR A 231 -37.44 -6.27 30.50
C TYR A 231 -38.13 -5.18 29.69
N ASP A 232 -39.04 -4.47 30.36
CA ASP A 232 -39.79 -3.41 29.71
CA ASP A 232 -39.79 -3.36 29.76
C ASP A 232 -38.84 -2.37 29.13
N GLN A 233 -37.81 -2.01 29.90
CA GLN A 233 -36.84 -1.01 29.47
C GLN A 233 -36.04 -1.52 28.27
N TRP A 234 -35.62 -2.78 28.34
CA TRP A 234 -34.89 -3.39 27.21
C TRP A 234 -35.73 -3.46 25.94
N ILE A 235 -36.97 -3.95 26.02
CA ILE A 235 -37.79 -4.12 24.81
C ILE A 235 -38.23 -2.72 24.29
N THR A 236 -38.31 -1.73 25.17
CA THR A 236 -38.68 -0.37 24.77
C THR A 236 -37.50 0.22 23.97
N ARG A 237 -36.26 -0.01 24.41
CA ARG A 237 -35.08 0.36 23.59
C ARG A 237 -35.11 -0.38 22.24
N LYS A 238 -35.41 -1.69 22.25
CA LYS A 238 -35.42 -2.43 20.99
C LYS A 238 -36.45 -1.80 20.05
N LYS A 239 -37.63 -1.49 20.57
CA LYS A 239 -38.69 -0.95 19.72
C LYS A 239 -38.27 0.39 19.12
N ASN A 240 -37.71 1.27 19.94
CA ASN A 240 -37.27 2.59 19.48
C ASN A 240 -36.17 2.45 18.43
N GLN A 241 -35.26 1.50 18.67
CA GLN A 241 -34.15 1.28 17.73
C GLN A 241 -34.70 0.72 16.41
N TRP A 242 -35.60 -0.25 16.46
CA TRP A 242 -36.17 -0.78 15.20
C TRP A 242 -36.97 0.34 14.46
N ASP A 243 -37.68 1.15 15.23
CA ASP A 243 -38.47 2.21 14.63
C ASP A 243 -37.57 3.24 13.92
N VAL A 244 -36.52 3.67 14.56
CA VAL A 244 -35.60 4.64 13.96
C VAL A 244 -34.86 4.03 12.75
N LEU A 245 -34.32 2.82 12.91
CA LEU A 245 -33.54 2.23 11.83
C LEU A 245 -34.42 1.92 10.61
N SER A 246 -35.60 1.40 10.86
CA SER A 246 -36.42 0.90 9.76
C SER A 246 -36.95 2.12 9.02
N ASN A 247 -37.23 3.19 9.73
CA ASN A 247 -37.69 4.40 9.06
C ASN A 247 -36.56 5.11 8.30
N LYS A 248 -35.33 5.00 8.81
CA LYS A 248 -34.17 5.51 8.08
C LYS A 248 -34.00 4.75 6.78
N PHE A 249 -34.24 3.44 6.84
CA PHE A 249 -34.14 2.58 5.69
C PHE A 249 -35.07 3.09 4.62
N ILE A 250 -36.31 3.39 5.00
CA ILE A 250 -37.30 3.84 4.02
C ILE A 250 -36.96 5.20 3.42
N SER A 251 -36.46 6.14 4.23
CA SER A 251 -36.14 7.45 3.67
C SER A 251 -34.87 7.43 2.81
N VAL A 252 -33.88 6.62 3.19
CA VAL A 252 -32.69 6.48 2.35
C VAL A 252 -33.08 5.88 1.02
N LYS A 253 -33.90 4.84 1.06
CA LYS A 253 -34.34 4.16 -0.15
C LYS A 253 -35.18 5.08 -1.05
N ASN A 254 -36.04 5.92 -0.47
CA ASN A 254 -36.84 6.87 -1.26
C ASN A 254 -35.98 7.98 -1.88
N ALA A 255 -34.92 8.38 -1.17
CA ALA A 255 -34.18 9.58 -1.54
C ALA A 255 -33.12 9.29 -2.60
N GLU A 256 -32.64 8.05 -2.65
CA GLU A 256 -31.66 7.67 -3.66
C GLU A 256 -32.09 6.42 -4.42
N LYS A 257 -33.39 6.13 -4.38
CA LYS A 257 -33.94 4.99 -5.10
C LYS A 257 -32.99 3.80 -5.07
N VAL A 258 -32.80 3.23 -3.89
CA VAL A 258 -31.96 2.06 -3.70
C VAL A 258 -32.67 0.81 -4.21
N GLN A 259 -32.54 0.55 -5.50
CA GLN A 259 -33.22 -0.59 -6.11
C GLN A 259 -32.43 -1.88 -5.86
N THR A 260 -32.93 -2.67 -4.92
CA THR A 260 -32.28 -3.90 -4.48
C THR A 260 -33.22 -5.09 -4.66
N ALA A 261 -32.84 -6.03 -5.52
CA ALA A 261 -33.73 -7.11 -5.93
C ALA A 261 -34.45 -7.83 -4.78
N GLY A 262 -33.71 -8.34 -3.80
CA GLY A 262 -34.33 -9.15 -2.77
C GLY A 262 -35.14 -8.34 -1.76
N ILE A 263 -34.83 -7.05 -1.68
CA ILE A 263 -35.18 -6.27 -0.51
C ILE A 263 -36.16 -5.15 -0.85
N VAL A 264 -37.41 -5.30 -0.41
CA VAL A 264 -38.39 -4.21 -0.58
C VAL A 264 -38.65 -3.43 0.73
N THR A 265 -38.93 -4.14 1.82
CA THR A 265 -39.14 -3.50 3.11
C THR A 265 -37.97 -3.77 4.05
N PRO A 266 -37.84 -2.96 5.12
CA PRO A 266 -36.77 -3.23 6.07
C PRO A 266 -36.90 -4.61 6.72
N TYR A 267 -38.12 -5.11 6.86
CA TYR A 267 -38.30 -6.48 7.38
C TYR A 267 -37.64 -7.55 6.48
N ASP A 268 -37.54 -7.28 5.18
CA ASP A 268 -36.88 -8.21 4.27
C ASP A 268 -35.43 -8.44 4.68
N ILE A 269 -34.81 -7.41 5.21
CA ILE A 269 -33.43 -7.51 5.65
C ILE A 269 -33.31 -8.47 6.82
N LEU A 270 -34.24 -8.33 7.77
CA LEU A 270 -34.23 -9.19 8.97
C LEU A 270 -34.49 -10.63 8.55
N LYS A 271 -35.38 -10.81 7.58
CA LYS A 271 -35.81 -12.15 7.18
C LYS A 271 -34.61 -12.87 6.60
N GLN A 272 -33.84 -12.14 5.80
CA GLN A 272 -32.71 -12.71 5.09
C GLN A 272 -31.51 -12.87 6.02
N GLU A 273 -31.37 -12.00 6.99
CA GLU A 273 -30.22 -12.08 7.87
C GLU A 273 -30.39 -13.17 8.94
N LEU A 274 -31.61 -13.35 9.44
CA LEU A 274 -31.84 -14.09 10.68
C LEU A 274 -32.51 -15.44 10.47
N ASP A 275 -31.97 -16.47 11.11
CA ASP A 275 -32.55 -17.80 11.07
C ASP A 275 -33.91 -17.78 11.73
N GLU A 276 -34.88 -18.40 11.08
CA GLU A 276 -36.18 -18.63 11.69
C GLU A 276 -36.82 -17.33 12.16
N PHE A 277 -36.61 -16.23 11.44
CA PHE A 277 -37.27 -14.97 11.78
C PHE A 277 -38.75 -15.02 11.44
N ASN A 278 -39.59 -14.66 12.39
CA ASN A 278 -41.04 -14.56 12.16
C ASN A 278 -41.49 -13.11 12.40
N GLU A 279 -41.87 -12.41 11.35
CA GLU A 279 -42.00 -10.96 11.46
C GLU A 279 -43.26 -10.55 12.23
N VAL A 280 -44.26 -11.42 12.25
CA VAL A 280 -45.43 -11.17 13.09
C VAL A 280 -45.05 -11.32 14.55
N ALA A 281 -44.27 -12.35 14.87
CA ALA A 281 -43.84 -12.59 16.23
C ALA A 281 -42.93 -11.46 16.68
N PHE A 282 -42.13 -10.94 15.75
CA PHE A 282 -41.22 -9.82 16.02
C PHE A 282 -42.02 -8.57 16.40
N GLU A 283 -43.00 -8.18 15.59
CA GLU A 283 -43.82 -7.03 15.93
C GLU A 283 -44.57 -7.27 17.26
N ASN A 284 -45.00 -8.50 17.51
CA ASN A 284 -45.63 -8.79 18.81
C ASN A 284 -44.65 -8.52 19.94
N GLU A 285 -43.41 -8.99 19.79
CA GLU A 285 -42.43 -8.86 20.87
C GLU A 285 -42.10 -7.40 21.14
N ILE A 286 -41.76 -6.63 20.12
CA ILE A 286 -41.32 -5.26 20.41
C ILE A 286 -42.49 -4.37 20.85
N ASN A 287 -43.71 -4.85 20.66
CA ASN A 287 -44.90 -4.11 21.13
C ASN A 287 -45.54 -4.74 22.35
N LYS A 288 -44.79 -5.61 23.01
CA LYS A 288 -45.20 -6.21 24.27
C LYS A 288 -46.57 -6.88 24.23
N ARG A 289 -46.86 -7.61 23.17
CA ARG A 289 -48.15 -8.30 23.07
C ARG A 289 -47.96 -9.78 22.72
N ASP A 290 -46.71 -10.24 22.78
CA ASP A 290 -46.40 -11.66 22.59
C ASP A 290 -46.87 -12.47 23.82
N GLY A 291 -47.20 -13.74 23.61
CA GLY A 291 -47.70 -14.58 24.69
C GLY A 291 -46.80 -14.62 25.93
N ALA A 292 -45.49 -14.75 25.72
CA ALA A 292 -44.59 -14.89 26.86
C ALA A 292 -44.59 -13.62 27.73
N TYR A 293 -44.49 -12.44 27.12
CA TYR A 293 -44.49 -11.22 27.92
C TYR A 293 -45.81 -11.06 28.67
N ILE A 294 -46.92 -11.35 28.02
CA ILE A 294 -48.21 -11.19 28.69
C ILE A 294 -48.32 -12.18 29.86
N GLU A 295 -47.92 -13.42 29.64
CA GLU A 295 -48.07 -14.42 30.68
C GLU A 295 -47.22 -14.04 31.90
N LEU A 296 -46.02 -13.53 31.65
CA LEU A 296 -45.06 -13.32 32.72
C LEU A 296 -45.24 -11.99 33.42
N CYS A 297 -45.67 -10.95 32.70
CA CYS A 297 -45.54 -9.59 33.22
C CYS A 297 -46.83 -8.77 33.31
N VAL A 298 -47.92 -9.31 32.80
CA VAL A 298 -49.19 -8.61 32.85
C VAL A 298 -50.15 -9.23 33.87
N CYS A 299 -50.32 -8.55 35.00
CA CYS A 299 -51.15 -9.08 36.07
C CYS A 299 -52.58 -9.37 35.62
N SER A 300 -53.27 -8.35 35.13
CA SER A 300 -54.71 -8.45 34.84
C SER A 300 -55.04 -9.69 34.01
N GLY B 2 28.36 1.80 4.87
CA GLY B 2 27.35 2.76 5.29
C GLY B 2 27.00 3.78 4.21
N ASN B 3 25.75 4.24 4.23
CA ASN B 3 25.31 5.27 3.29
C ASN B 3 24.25 6.24 3.88
N THR B 4 23.15 6.47 3.17
CA THR B 4 22.10 7.39 3.60
C THR B 4 20.70 6.77 3.45
N VAL B 5 19.70 7.37 4.10
CA VAL B 5 18.33 6.83 4.04
C VAL B 5 17.30 7.84 3.56
N MET B 6 17.44 9.09 4.04
CA MET B 6 16.47 10.14 3.78
C MET B 6 16.90 11.05 2.65
N LYS B 7 18.16 11.48 2.71
CA LYS B 7 18.74 12.36 1.72
C LYS B 7 18.43 11.84 0.31
N ASN B 8 18.73 10.59 0.06
CA ASN B 8 18.57 10.03 -1.27
C ASN B 8 17.11 9.84 -1.69
N CYS B 9 16.17 10.02 -0.76
CA CYS B 9 14.75 10.05 -1.09
C CYS B 9 14.23 11.48 -1.22
N ASN B 10 15.13 12.46 -1.14
CA ASN B 10 14.77 13.87 -1.28
C ASN B 10 15.39 14.53 -2.52
N TYR B 11 16.57 14.04 -2.92
CA TYR B 11 17.29 14.64 -4.04
C TYR B 11 18.37 13.70 -4.55
N LYS B 12 18.68 13.80 -5.83
CA LYS B 12 19.75 13.02 -6.47
C LYS B 12 20.84 13.95 -6.91
N ARG B 13 22.08 13.49 -6.77
CA ARG B 13 23.19 14.18 -7.39
C ARG B 13 23.02 14.18 -8.89
N LYS B 14 23.67 15.11 -9.55
CA LYS B 14 23.63 15.18 -11.01
C LYS B 14 24.29 13.95 -11.59
N ARG B 15 23.97 13.61 -12.83
CA ARG B 15 24.57 12.44 -13.45
C ARG B 15 26.06 12.63 -13.51
N ARG B 16 26.80 11.58 -13.15
CA ARG B 16 28.24 11.52 -13.33
C ARG B 16 28.98 12.52 -12.44
N GLU B 17 28.28 13.09 -11.46
CA GLU B 17 28.93 13.90 -10.41
C GLU B 17 29.87 13.03 -9.60
N ARG B 18 29.48 11.77 -9.40
CA ARG B 18 30.36 10.77 -8.80
C ARG B 18 30.47 9.63 -9.80
N ASP B 19 31.68 9.28 -10.17
CA ASP B 19 31.93 8.15 -11.06
C ASP B 19 31.62 6.81 -10.37
N TRP B 20 31.51 5.77 -11.19
CA TRP B 20 31.41 4.40 -10.69
C TRP B 20 32.49 4.10 -9.64
N ASP B 21 32.10 3.35 -8.61
CA ASP B 21 32.96 3.07 -7.47
C ASP B 21 33.51 1.66 -7.51
N CYS B 22 34.77 1.50 -7.90
CA CYS B 22 35.38 0.16 -7.93
C CYS B 22 36.19 -0.16 -6.66
N ASN B 23 36.28 0.79 -5.74
CA ASN B 23 37.17 0.62 -4.59
C ASN B 23 36.51 -0.03 -3.36
N THR B 24 35.21 0.15 -3.20
CA THR B 24 34.51 -0.30 -2.00
C THR B 24 34.37 -1.84 -1.95
N LYS B 25 34.05 -2.44 -3.09
CA LYS B 25 34.05 -3.89 -3.26
C LYS B 25 34.79 -4.15 -4.54
N LYS B 26 35.92 -4.85 -4.48
CA LYS B 26 36.86 -4.75 -5.58
C LYS B 26 36.54 -5.64 -6.79
N ASP B 27 35.60 -6.58 -6.61
CA ASP B 27 35.16 -7.39 -7.75
C ASP B 27 33.91 -6.82 -8.42
N VAL B 28 33.48 -5.62 -8.03
CA VAL B 28 32.39 -4.99 -8.80
C VAL B 28 32.52 -3.48 -8.73
N CYS B 29 31.95 -2.75 -9.70
CA CYS B 29 31.90 -1.29 -9.63
C CYS B 29 30.44 -0.87 -9.41
N ILE B 30 30.22 0.10 -8.55
CA ILE B 30 28.85 0.42 -8.13
C ILE B 30 28.46 1.81 -8.66
N PRO B 31 27.33 1.91 -9.35
CA PRO B 31 26.96 3.24 -9.85
C PRO B 31 26.34 4.11 -8.76
N ASP B 32 26.54 5.43 -8.86
CA ASP B 32 26.01 6.36 -7.87
C ASP B 32 24.48 6.22 -7.77
N ARG B 33 23.80 5.93 -8.89
CA ARG B 33 22.34 5.78 -8.87
C ARG B 33 21.96 4.63 -7.93
N ARG B 34 22.74 3.54 -7.96
CA ARG B 34 22.43 2.42 -7.03
C ARG B 34 22.59 2.87 -5.60
N TYR B 35 23.70 3.54 -5.31
CA TYR B 35 23.97 4.00 -3.95
C TYR B 35 22.83 4.86 -3.44
N GLN B 36 22.21 5.63 -4.33
CA GLN B 36 21.17 6.59 -3.91
C GLN B 36 19.74 6.04 -3.99
N LEU B 37 19.61 4.76 -4.33
CA LEU B 37 18.29 4.17 -4.55
C LEU B 37 17.44 4.42 -3.31
N CYS B 38 16.25 4.97 -3.49
CA CYS B 38 15.42 5.33 -2.35
C CYS B 38 14.82 4.07 -1.73
N MET B 39 15.13 3.84 -0.47
CA MET B 39 14.62 2.68 0.25
C MET B 39 14.25 3.02 1.69
N LYS B 40 13.80 4.24 1.93
CA LYS B 40 13.54 4.69 3.29
C LYS B 40 12.51 3.81 4.01
N GLU B 41 11.43 3.47 3.32
CA GLU B 41 10.34 2.69 3.93
C GLU B 41 10.85 1.27 4.20
N LEU B 42 11.58 0.70 3.24
CA LEU B 42 12.09 -0.66 3.37
C LEU B 42 13.00 -0.76 4.58
N THR B 43 13.77 0.30 4.80
CA THR B 43 14.75 0.31 5.87
C THR B 43 14.04 0.30 7.21
N ASN B 44 12.98 1.08 7.31
CA ASN B 44 12.28 1.26 8.57
C ASN B 44 11.31 0.10 8.81
N LEU B 45 11.17 -0.73 7.80
CA LEU B 45 10.33 -1.92 7.89
C LEU B 45 10.88 -2.90 8.91
N TYR B 63 1.75 -5.46 3.59
CA TYR B 63 2.52 -4.38 4.17
C TYR B 63 3.82 -4.05 3.40
N LEU B 64 4.71 -5.05 3.29
CA LEU B 64 5.96 -4.90 2.53
C LEU B 64 5.64 -4.32 1.16
N LYS B 65 4.58 -4.80 0.51
CA LYS B 65 4.30 -4.29 -0.81
C LYS B 65 3.98 -2.79 -0.74
N ARG B 66 3.26 -2.37 0.29
CA ARG B 66 2.93 -0.95 0.46
C ARG B 66 4.17 -0.06 0.55
N LYS B 67 5.11 -0.49 1.37
CA LYS B 67 6.28 0.32 1.62
C LYS B 67 7.23 0.32 0.41
N LEU B 68 7.30 -0.80 -0.31
CA LEU B 68 8.08 -0.89 -1.53
C LEU B 68 7.48 0.01 -2.59
N ILE B 69 6.14 0.02 -2.67
CA ILE B 69 5.45 0.84 -3.66
C ILE B 69 5.75 2.30 -3.39
N TYR B 70 5.83 2.67 -2.13
CA TYR B 70 6.07 4.07 -1.79
C TYR B 70 7.51 4.48 -2.13
N ASP B 71 8.46 3.62 -1.81
CA ASP B 71 9.86 3.90 -2.12
C ASP B 71 10.07 4.01 -3.63
N ALA B 72 9.47 3.09 -4.37
CA ALA B 72 9.52 3.09 -5.82
C ALA B 72 8.87 4.34 -6.40
N ALA B 73 7.74 4.75 -5.83
CA ALA B 73 7.09 5.97 -6.32
C ALA B 73 8.00 7.19 -6.09
N VAL B 74 8.65 7.25 -4.93
CA VAL B 74 9.53 8.36 -4.64
C VAL B 74 10.76 8.29 -5.61
N GLU B 75 11.29 7.09 -5.82
CA GLU B 75 12.47 6.89 -6.69
C GLU B 75 12.16 7.36 -8.12
N GLY B 76 10.98 6.98 -8.60
CA GLY B 76 10.53 7.29 -9.93
C GLY B 76 10.40 8.79 -10.14
N ASP B 77 9.79 9.47 -9.17
CA ASP B 77 9.59 10.92 -9.24
C ASP B 77 10.94 11.66 -9.25
N LEU B 78 11.85 11.23 -8.37
CA LEU B 78 13.21 11.75 -8.34
C LEU B 78 14.00 11.52 -9.61
N LEU B 79 13.82 10.36 -10.26
CA LEU B 79 14.53 10.13 -11.52
C LEU B 79 13.92 11.03 -12.60
N LEU B 80 12.63 11.34 -12.48
CA LEU B 80 12.00 12.23 -13.42
C LEU B 80 12.60 13.64 -13.25
N LYS B 81 12.79 14.07 -11.99
CA LYS B 81 13.40 15.37 -11.70
C LYS B 81 14.85 15.41 -12.21
N LEU B 82 15.55 14.29 -12.05
CA LEU B 82 16.95 14.22 -12.47
C LEU B 82 17.03 14.46 -13.97
N ASN B 83 16.04 13.94 -14.70
CA ASN B 83 16.01 14.09 -16.14
C ASN B 83 15.35 15.42 -16.54
N ASN B 84 15.25 16.34 -15.58
CA ASN B 84 14.61 17.65 -15.84
C ASN B 84 13.21 17.54 -16.42
N TYR B 85 12.47 16.53 -15.96
CA TYR B 85 11.08 16.31 -16.36
C TYR B 85 10.93 15.97 -17.82
N ARG B 86 12.02 15.52 -18.44
CA ARG B 86 11.96 15.08 -19.82
C ARG B 86 11.55 13.61 -19.91
N TYR B 87 10.49 13.37 -20.65
CA TYR B 87 10.04 12.01 -20.94
C TYR B 87 10.79 11.54 -22.14
N ASN B 88 11.94 10.94 -21.92
CA ASN B 88 12.66 10.39 -23.05
C ASN B 88 13.34 9.11 -22.61
N LYS B 89 14.17 8.57 -23.51
CA LYS B 89 14.80 7.27 -23.31
C LYS B 89 15.65 7.23 -22.05
N ASP B 90 16.30 8.35 -21.73
CA ASP B 90 17.16 8.38 -20.57
C ASP B 90 16.36 8.23 -19.31
N PHE B 91 15.17 8.85 -19.27
CA PHE B 91 14.29 8.60 -18.14
C PHE B 91 13.86 7.12 -18.08
N CYS B 92 13.42 6.56 -19.20
CA CYS B 92 12.90 5.19 -19.14
C CYS B 92 14.00 4.18 -18.72
N LYS B 93 15.23 4.41 -19.17
CA LYS B 93 16.32 3.50 -18.83
C LYS B 93 16.61 3.57 -17.35
N ASP B 94 16.59 4.79 -16.79
CA ASP B 94 16.81 4.95 -15.35
C ASP B 94 15.73 4.23 -14.52
N ILE B 95 14.49 4.34 -14.94
CA ILE B 95 13.37 3.68 -14.25
C ILE B 95 13.66 2.17 -14.29
N ARG B 96 14.07 1.73 -15.46
CA ARG B 96 14.40 0.33 -15.71
C ARG B 96 15.53 -0.16 -14.79
N TRP B 97 16.60 0.63 -14.66
CA TRP B 97 17.77 0.27 -13.86
C TRP B 97 17.41 0.24 -12.37
N SER B 98 16.71 1.28 -11.89
CA SER B 98 16.32 1.29 -10.48
C SER B 98 15.29 0.20 -10.17
N LEU B 99 14.37 -0.07 -11.11
CA LEU B 99 13.37 -1.13 -10.88
C LEU B 99 14.10 -2.48 -10.72
N GLY B 100 15.06 -2.72 -11.61
CA GLY B 100 15.88 -3.91 -11.56
C GLY B 100 16.62 -4.03 -10.24
N ASP B 101 17.13 -2.91 -9.73
CA ASP B 101 17.87 -2.96 -8.48
C ASP B 101 16.91 -3.25 -7.32
N PHE B 102 15.71 -2.66 -7.33
CA PHE B 102 14.71 -3.08 -6.32
C PHE B 102 14.51 -4.60 -6.35
N GLY B 103 14.40 -5.15 -7.55
CA GLY B 103 14.24 -6.59 -7.71
C GLY B 103 15.37 -7.38 -7.06
N ASP B 104 16.62 -7.00 -7.33
CA ASP B 104 17.72 -7.81 -6.79
C ASP B 104 17.76 -7.64 -5.27
N ILE B 105 17.35 -6.48 -4.79
CA ILE B 105 17.24 -6.28 -3.34
C ILE B 105 16.16 -7.23 -2.76
N ILE B 106 15.01 -7.31 -3.42
CA ILE B 106 13.91 -8.13 -2.90
C ILE B 106 14.32 -9.62 -2.96
N MET B 107 15.02 -10.00 -4.03
CA MET B 107 15.38 -11.38 -4.29
C MET B 107 16.65 -11.82 -3.56
N GLY B 108 17.39 -10.88 -3.00
CA GLY B 108 18.59 -11.25 -2.26
C GLY B 108 19.78 -11.44 -3.19
N THR B 109 19.74 -10.81 -4.36
CA THR B 109 20.85 -10.99 -5.32
C THR B 109 21.57 -9.71 -5.66
N ASP B 110 21.42 -8.70 -4.81
CA ASP B 110 22.02 -7.38 -5.03
C ASP B 110 23.51 -7.37 -4.69
N MET B 111 24.30 -6.72 -5.55
CA MET B 111 25.76 -6.77 -5.43
C MET B 111 26.33 -5.62 -4.58
N GLU B 112 25.51 -4.63 -4.25
CA GLU B 112 25.99 -3.50 -3.43
C GLU B 112 26.10 -3.94 -1.97
N GLY B 113 24.96 -4.16 -1.31
CA GLY B 113 24.98 -4.72 0.04
C GLY B 113 25.82 -3.90 1.00
N ILE B 114 25.75 -2.58 0.87
CA ILE B 114 26.42 -1.67 1.80
C ILE B 114 25.41 -1.01 2.75
N GLY B 115 25.81 -0.89 4.01
CA GLY B 115 25.09 -0.04 4.95
C GLY B 115 23.62 -0.41 5.13
N TYR B 116 22.75 0.54 4.82
CA TYR B 116 21.32 0.35 4.99
C TYR B 116 20.76 -0.78 4.12
N SER B 117 21.46 -1.12 3.04
CA SER B 117 21.05 -2.25 2.22
C SER B 117 21.05 -3.55 3.05
N LYS B 118 21.96 -3.64 4.01
CA LYS B 118 22.05 -4.82 4.88
C LYS B 118 20.91 -4.84 5.91
N VAL B 119 20.45 -3.65 6.29
CA VAL B 119 19.29 -3.59 7.18
C VAL B 119 18.07 -4.09 6.44
N VAL B 120 17.94 -3.64 5.19
CA VAL B 120 16.84 -4.09 4.36
C VAL B 120 16.91 -5.60 4.14
N GLU B 121 18.10 -6.14 3.88
CA GLU B 121 18.23 -7.58 3.64
C GLU B 121 17.84 -8.32 4.91
N ASN B 122 18.22 -7.76 6.05
CA ASN B 122 17.84 -8.34 7.34
C ASN B 122 16.32 -8.30 7.54
N ASN B 123 15.69 -7.19 7.14
CA ASN B 123 14.26 -7.07 7.26
C ASN B 123 13.56 -8.13 6.39
N LEU B 124 14.13 -8.41 5.22
CA LEU B 124 13.51 -9.36 4.28
C LEU B 124 13.63 -10.77 4.80
N ARG B 125 14.78 -11.08 5.39
CA ARG B 125 14.99 -12.37 6.02
C ARG B 125 14.00 -12.63 7.16
N SER B 126 13.63 -11.60 7.90
CA SER B 126 12.69 -11.79 9.02
C SER B 126 11.27 -11.91 8.52
N ILE B 127 11.07 -11.65 7.24
CA ILE B 127 9.72 -11.71 6.66
C ILE B 127 9.55 -13.03 5.92
N PHE B 128 10.54 -13.39 5.11
CA PHE B 128 10.45 -14.56 4.25
C PHE B 128 11.04 -15.80 4.89
N GLY B 129 12.06 -15.59 5.72
CA GLY B 129 12.79 -16.68 6.33
C GLY B 129 14.18 -16.78 5.74
N THR B 130 14.95 -17.77 6.20
CA THR B 130 16.29 -18.01 5.67
C THR B 130 16.40 -19.43 5.14
N ASP B 131 15.36 -20.23 5.40
CA ASP B 131 15.34 -21.65 5.04
C ASP B 131 15.68 -21.90 3.57
N GLU B 132 15.72 -23.17 3.19
CA GLU B 132 16.23 -23.56 1.88
C GLU B 132 15.53 -22.87 0.71
N LYS B 133 14.25 -22.59 0.83
CA LYS B 133 13.50 -22.01 -0.28
C LYS B 133 12.84 -20.66 0.06
N ALA B 134 13.37 -20.00 1.09
CA ALA B 134 12.98 -18.63 1.36
C ALA B 134 13.34 -17.80 0.12
N GLN B 135 14.49 -18.11 -0.47
CA GLN B 135 14.95 -17.41 -1.67
C GLN B 135 13.98 -17.61 -2.83
N GLN B 136 13.48 -18.84 -2.97
CA GLN B 136 12.54 -19.15 -4.04
C GLN B 136 11.24 -18.36 -3.85
N ARG B 137 10.76 -18.23 -2.62
CA ARG B 137 9.55 -17.46 -2.35
C ARG B 137 9.74 -15.94 -2.59
N ARG B 138 10.94 -15.44 -2.33
CA ARG B 138 11.22 -14.02 -2.57
C ARG B 138 11.22 -13.72 -4.07
N LYS B 139 11.74 -14.64 -4.87
CA LYS B 139 11.70 -14.49 -6.32
C LYS B 139 10.25 -14.60 -6.84
N GLN B 140 9.45 -15.48 -6.24
CA GLN B 140 8.05 -15.61 -6.66
C GLN B 140 7.33 -14.31 -6.36
N TRP B 141 7.54 -13.81 -5.14
CA TRP B 141 6.92 -12.57 -4.69
C TRP B 141 7.32 -11.43 -5.65
N TRP B 142 8.59 -11.34 -5.98
CA TRP B 142 9.07 -10.29 -6.87
C TRP B 142 8.41 -10.42 -8.23
N ASN B 143 8.40 -11.63 -8.78
CA ASN B 143 7.83 -11.82 -10.13
C ASN B 143 6.32 -11.52 -10.18
N GLU B 144 5.62 -11.81 -9.09
CA GLU B 144 4.19 -11.47 -9.00
C GLU B 144 3.99 -9.96 -8.86
N SER B 145 4.98 -9.26 -8.31
CA SER B 145 4.81 -7.84 -7.95
C SER B 145 5.46 -6.84 -8.89
N LYS B 146 6.35 -7.29 -9.78
CA LYS B 146 7.23 -6.36 -10.46
C LYS B 146 6.47 -5.37 -11.36
N ALA B 147 5.44 -5.84 -12.07
CA ALA B 147 4.68 -4.91 -12.90
C ALA B 147 4.07 -3.84 -12.00
N GLN B 148 3.64 -4.23 -10.81
CA GLN B 148 3.04 -3.28 -9.87
C GLN B 148 4.07 -2.26 -9.35
N ILE B 149 5.28 -2.73 -9.09
CA ILE B 149 6.33 -1.82 -8.66
C ILE B 149 6.74 -0.85 -9.79
N TRP B 150 6.75 -1.32 -11.03
CA TRP B 150 7.03 -0.43 -12.16
C TRP B 150 5.94 0.63 -12.26
N THR B 151 4.69 0.21 -12.11
CA THR B 151 3.58 1.17 -12.14
C THR B 151 3.79 2.25 -11.08
N ALA B 152 4.16 1.83 -9.88
CA ALA B 152 4.44 2.75 -8.79
C ALA B 152 5.58 3.71 -9.19
N MET B 153 6.67 3.22 -9.77
CA MET B 153 7.71 4.15 -10.19
C MET B 153 7.18 5.17 -11.18
N MET B 154 6.22 4.77 -12.00
CA MET B 154 5.63 5.71 -12.96
C MET B 154 4.49 6.54 -12.37
N TYR B 155 4.30 6.48 -11.06
CA TYR B 155 3.16 7.19 -10.45
C TYR B 155 3.19 8.69 -10.80
N SER B 156 4.40 9.25 -10.84
CA SER B 156 4.58 10.67 -11.07
C SER B 156 4.11 11.07 -12.46
N VAL B 157 4.41 10.22 -13.43
CA VAL B 157 3.98 10.43 -14.80
C VAL B 157 2.47 10.22 -14.90
N LYS B 158 1.97 9.22 -14.19
CA LYS B 158 0.54 8.87 -14.22
C LYS B 158 -0.33 9.94 -13.55
N LYS B 159 0.29 10.78 -12.73
CA LYS B 159 -0.42 11.91 -12.14
C LYS B 159 -0.77 12.90 -13.23
N ARG B 160 0.17 13.09 -14.17
CA ARG B 160 0.02 14.05 -15.26
C ARG B 160 -0.75 13.48 -16.47
N LEU B 161 -0.43 12.25 -16.86
CA LEU B 161 -0.90 11.70 -18.12
C LEU B 161 -2.04 10.71 -17.92
N LYS B 162 -2.36 10.41 -16.67
CA LYS B 162 -3.39 9.43 -16.36
C LYS B 162 -3.09 8.14 -17.11
N GLY B 163 -4.11 7.51 -17.70
CA GLY B 163 -3.95 6.23 -18.34
C GLY B 163 -2.89 6.19 -19.43
N ASN B 164 -2.58 7.35 -20.01
CA ASN B 164 -1.57 7.41 -21.06
C ASN B 164 -0.15 7.36 -20.52
N PHE B 165 0.00 7.21 -19.21
CA PHE B 165 1.34 7.06 -18.64
C PHE B 165 1.96 5.79 -19.21
N ILE B 166 1.11 4.82 -19.52
CA ILE B 166 1.60 3.51 -19.99
C ILE B 166 2.39 3.57 -21.31
N TRP B 167 2.27 4.65 -22.07
CA TRP B 167 2.95 4.76 -23.36
C TRP B 167 4.30 5.50 -23.28
N ILE B 168 4.60 6.07 -22.12
CA ILE B 168 5.83 6.83 -21.97
C ILE B 168 7.07 5.94 -21.98
N CYS B 169 7.01 4.87 -21.18
CA CYS B 169 8.07 3.88 -21.12
C CYS B 169 7.43 2.51 -21.32
N LYS B 170 8.24 1.53 -21.71
CA LYS B 170 7.75 0.20 -22.04
C LYS B 170 7.79 -0.70 -20.82
N LEU B 171 6.61 -1.07 -20.35
CA LEU B 171 6.49 -1.96 -19.19
C LEU B 171 7.19 -3.28 -19.47
N ASN B 172 6.87 -3.87 -20.62
CA ASN B 172 7.42 -5.18 -20.94
C ASN B 172 8.95 -5.19 -20.93
N VAL B 173 9.59 -4.14 -21.45
CA VAL B 173 11.05 -4.11 -21.41
C VAL B 173 11.52 -4.08 -19.95
N ALA B 174 10.84 -3.27 -19.13
CA ALA B 174 11.27 -3.06 -17.75
C ALA B 174 11.09 -4.29 -16.87
N VAL B 175 10.07 -5.10 -17.10
CA VAL B 175 9.86 -6.23 -16.18
C VAL B 175 10.54 -7.54 -16.61
N ASN B 176 11.41 -7.48 -17.61
CA ASN B 176 12.27 -8.61 -17.92
C ASN B 176 13.46 -8.72 -16.95
N ILE B 177 13.63 -9.88 -16.32
CA ILE B 177 14.71 -10.04 -15.34
C ILE B 177 16.06 -10.30 -16.02
N GLU B 178 17.02 -9.41 -15.79
CA GLU B 178 18.40 -9.65 -16.22
C GLU B 178 19.27 -9.74 -14.98
N PRO B 179 20.31 -10.57 -15.02
CA PRO B 179 21.23 -10.39 -13.89
C PRO B 179 21.60 -8.93 -13.76
N GLN B 180 21.81 -8.52 -12.52
CA GLN B 180 22.19 -7.17 -12.20
C GLN B 180 23.44 -6.79 -12.98
N ILE B 181 24.43 -7.67 -13.02
CA ILE B 181 25.69 -7.26 -13.72
C ILE B 181 25.41 -6.90 -15.20
N TYR B 182 24.46 -7.59 -15.84
CA TYR B 182 24.08 -7.22 -17.21
C TYR B 182 23.58 -5.78 -17.28
N ARG B 183 22.64 -5.45 -16.40
CA ARG B 183 22.04 -4.13 -16.43
C ARG B 183 23.09 -3.06 -16.13
N TRP B 184 24.00 -3.35 -15.21
CA TRP B 184 24.93 -2.31 -14.80
C TRP B 184 25.93 -2.09 -15.94
N ILE B 185 26.25 -3.13 -16.70
CA ILE B 185 27.07 -2.93 -17.90
C ILE B 185 26.37 -2.04 -18.97
N ARG B 186 25.04 -2.17 -19.11
CA ARG B 186 24.32 -1.32 -20.07
C ARG B 186 24.40 0.14 -19.61
N GLU B 187 24.27 0.32 -18.30
CA GLU B 187 24.25 1.66 -17.71
C GLU B 187 25.65 2.25 -17.82
N TRP B 188 26.64 1.40 -17.54
CA TRP B 188 28.04 1.82 -17.62
C TRP B 188 28.37 2.28 -19.03
N GLY B 189 27.94 1.50 -20.02
CA GLY B 189 28.21 1.81 -21.41
C GLY B 189 27.61 3.14 -21.83
N ARG B 190 26.43 3.43 -21.33
CA ARG B 190 25.78 4.69 -21.66
C ARG B 190 26.51 5.86 -21.03
N ASP B 191 27.00 5.69 -19.81
CA ASP B 191 27.85 6.71 -19.21
C ASP B 191 29.13 6.88 -20.04
N TYR B 192 29.75 5.79 -20.46
CA TYR B 192 31.03 5.94 -21.15
C TYR B 192 30.87 6.76 -22.43
N VAL B 193 29.87 6.44 -23.26
CA VAL B 193 29.74 7.16 -24.53
C VAL B 193 29.24 8.60 -24.33
N SER B 194 28.70 8.93 -23.16
CA SER B 194 28.34 10.31 -22.88
C SER B 194 29.54 11.12 -22.39
N GLU B 195 30.49 10.46 -21.72
CA GLU B 195 31.70 11.14 -21.21
C GLU B 195 32.76 11.34 -22.29
N LEU B 196 32.86 10.37 -23.21
CA LEU B 196 33.99 10.33 -24.13
C LEU B 196 34.09 11.58 -25.03
N PRO B 197 32.98 11.98 -25.67
CA PRO B 197 33.11 13.17 -26.54
C PRO B 197 33.54 14.39 -25.74
N THR B 198 33.07 14.51 -24.51
CA THR B 198 33.44 15.65 -23.67
C THR B 198 34.92 15.64 -23.29
N GLU B 199 35.43 14.48 -22.85
CA GLU B 199 36.83 14.36 -22.47
C GLU B 199 37.75 14.58 -23.67
N VAL B 200 37.36 14.06 -24.83
CA VAL B 200 38.13 14.27 -26.06
C VAL B 200 38.11 15.75 -26.48
N GLN B 201 36.96 16.39 -26.35
CA GLN B 201 36.89 17.82 -26.70
C GLN B 201 37.83 18.61 -25.78
N LYS B 202 37.77 18.36 -24.48
CA LYS B 202 38.66 19.03 -23.53
C LYS B 202 40.12 18.92 -23.96
N LEU B 203 40.52 17.69 -24.25
CA LEU B 203 41.87 17.39 -24.68
C LEU B 203 42.24 18.18 -25.94
N LYS B 204 41.36 18.13 -26.93
CA LYS B 204 41.56 18.78 -28.21
C LYS B 204 41.77 20.29 -28.06
N GLU B 205 41.10 20.89 -27.08
CA GLU B 205 41.12 22.34 -26.93
C GLU B 205 42.46 22.80 -26.36
N LYS B 206 43.19 21.90 -25.71
CA LYS B 206 44.52 22.25 -25.20
C LYS B 206 45.66 21.71 -26.07
N CYS B 207 45.43 20.62 -26.80
CA CYS B 207 46.53 19.83 -27.37
C CYS B 207 46.56 19.74 -28.90
N ASP B 208 45.48 20.14 -29.56
CA ASP B 208 45.41 19.99 -31.01
C ASP B 208 46.57 20.66 -31.77
N GLY B 209 47.14 19.92 -32.71
CA GLY B 209 48.19 20.44 -33.56
C GLY B 209 49.55 20.57 -32.92
N LYS B 210 50.32 21.55 -33.39
CA LYS B 210 51.72 21.69 -33.07
C LYS B 210 52.04 23.05 -32.45
N ILE B 211 53.18 23.13 -31.77
CA ILE B 211 53.62 24.35 -31.10
C ILE B 211 54.70 25.03 -31.92
N ASN B 212 55.28 24.28 -32.85
CA ASN B 212 56.13 24.84 -33.88
C ASN B 212 56.01 23.99 -35.14
N TYR B 213 56.97 24.11 -36.06
CA TYR B 213 56.86 23.44 -37.35
C TYR B 213 56.85 21.91 -37.30
N THR B 214 57.41 21.32 -36.24
CA THR B 214 57.54 19.85 -36.19
C THR B 214 56.97 19.22 -34.92
N ASP B 215 56.98 19.96 -33.82
CA ASP B 215 56.62 19.40 -32.52
C ASP B 215 55.13 19.56 -32.17
N LYS B 216 54.51 18.44 -31.82
CA LYS B 216 53.15 18.43 -31.29
C LYS B 216 53.14 19.25 -30.01
N LYS B 217 51.99 19.84 -29.70
CA LYS B 217 51.87 20.66 -28.50
C LYS B 217 52.26 19.90 -27.24
N VAL B 218 51.94 18.61 -27.18
CA VAL B 218 52.21 17.81 -25.99
C VAL B 218 53.71 17.72 -25.72
N CYS B 219 54.52 17.93 -26.75
CA CYS B 219 55.96 17.94 -26.57
C CYS B 219 56.44 19.01 -25.57
N LYS B 220 55.91 20.23 -25.66
CA LYS B 220 56.50 21.33 -24.88
C LYS B 220 55.51 22.26 -24.15
N VAL B 221 54.22 22.13 -24.46
CA VAL B 221 53.20 23.02 -23.90
C VAL B 221 52.59 22.43 -22.64
N PRO B 222 52.98 22.97 -21.47
CA PRO B 222 52.54 22.40 -20.19
C PRO B 222 51.01 22.27 -20.02
N PRO B 223 50.24 23.27 -20.48
CA PRO B 223 48.77 23.14 -20.38
C PRO B 223 48.21 21.93 -21.14
N CYS B 224 48.88 21.54 -22.22
CA CYS B 224 48.49 20.37 -22.99
C CYS B 224 48.95 19.12 -22.26
N GLN B 225 50.13 19.18 -21.67
CA GLN B 225 50.67 18.03 -20.97
C GLN B 225 49.79 17.69 -19.78
N ASN B 226 49.26 18.70 -19.13
CA ASN B 226 48.36 18.51 -18.01
C ASN B 226 46.98 18.06 -18.46
N ALA B 227 46.56 18.51 -19.65
CA ALA B 227 45.32 18.05 -20.25
C ALA B 227 45.42 16.54 -20.55
N CYS B 228 46.58 16.10 -21.03
CA CYS B 228 46.80 14.69 -21.33
C CYS B 228 46.77 13.88 -20.04
N LYS B 229 47.37 14.41 -18.97
CA LYS B 229 47.38 13.68 -17.69
C LYS B 229 45.96 13.53 -17.21
N SER B 230 45.20 14.61 -17.30
CA SER B 230 43.81 14.60 -16.85
C SER B 230 43.00 13.59 -17.66
N TYR B 231 43.21 13.58 -18.98
CA TYR B 231 42.53 12.60 -19.83
C TYR B 231 42.93 11.20 -19.36
N ASP B 232 44.23 11.02 -19.15
CA ASP B 232 44.80 9.73 -18.74
C ASP B 232 44.13 9.23 -17.46
N GLN B 233 43.91 10.13 -16.52
CA GLN B 233 43.19 9.80 -15.29
C GLN B 233 41.79 9.30 -15.57
N TRP B 234 41.04 10.03 -16.41
CA TRP B 234 39.68 9.64 -16.77
C TRP B 234 39.66 8.28 -17.47
N ILE B 235 40.45 8.12 -18.53
CA ILE B 235 40.37 6.89 -19.34
C ILE B 235 40.90 5.71 -18.51
N THR B 236 41.77 5.99 -17.54
CA THR B 236 42.26 4.90 -16.70
C THR B 236 41.14 4.41 -15.77
N ARG B 237 40.34 5.34 -15.26
CA ARG B 237 39.11 4.95 -14.55
C ARG B 237 38.19 4.11 -15.46
N LYS B 238 37.98 4.56 -16.69
CA LYS B 238 37.12 3.82 -17.59
C LYS B 238 37.65 2.42 -17.78
N LYS B 239 38.96 2.30 -18.05
CA LYS B 239 39.53 0.98 -18.29
C LYS B 239 39.35 0.06 -17.08
N ASN B 240 39.60 0.59 -15.89
CA ASN B 240 39.49 -0.21 -14.68
C ASN B 240 38.03 -0.62 -14.41
N GLN B 241 37.10 0.30 -14.64
CA GLN B 241 35.67 -0.02 -14.46
C GLN B 241 35.22 -1.09 -15.47
N TRP B 242 35.63 -0.98 -16.72
CA TRP B 242 35.24 -1.98 -17.73
C TRP B 242 35.93 -3.33 -17.41
N ASP B 243 37.18 -3.28 -16.96
CA ASP B 243 37.85 -4.52 -16.59
C ASP B 243 37.14 -5.24 -15.43
N VAL B 244 36.81 -4.51 -14.38
CA VAL B 244 36.09 -5.10 -13.24
C VAL B 244 34.69 -5.60 -13.63
N LEU B 245 33.92 -4.77 -14.34
CA LEU B 245 32.55 -5.16 -14.68
C LEU B 245 32.53 -6.32 -15.66
N SER B 246 33.40 -6.31 -16.65
CA SER B 246 33.33 -7.35 -17.68
C SER B 246 33.77 -8.68 -17.09
N ASN B 247 34.73 -8.65 -16.19
CA ASN B 247 35.15 -9.91 -15.56
C ASN B 247 34.12 -10.45 -14.56
N LYS B 248 33.42 -9.55 -13.89
CA LYS B 248 32.29 -9.93 -13.01
C LYS B 248 31.20 -10.61 -13.83
N PHE B 249 30.89 -10.02 -14.99
CA PHE B 249 29.92 -10.63 -15.90
C PHE B 249 30.32 -12.06 -16.17
N ILE B 250 31.59 -12.27 -16.49
CA ILE B 250 32.04 -13.61 -16.85
C ILE B 250 31.93 -14.59 -15.70
N SER B 251 32.33 -14.18 -14.49
CA SER B 251 32.27 -15.11 -13.37
C SER B 251 30.85 -15.35 -12.90
N VAL B 252 29.98 -14.36 -13.09
CA VAL B 252 28.56 -14.56 -12.78
C VAL B 252 27.96 -15.55 -13.78
N LYS B 253 28.27 -15.34 -15.06
CA LYS B 253 27.83 -16.22 -16.12
C LYS B 253 28.27 -17.67 -15.87
N ASN B 254 29.54 -17.86 -15.52
CA ASN B 254 30.09 -19.19 -15.26
C ASN B 254 29.41 -19.88 -14.07
N ALA B 255 29.03 -19.10 -13.06
CA ALA B 255 28.35 -19.65 -11.90
C ALA B 255 26.84 -19.73 -12.10
N GLU B 256 26.38 -19.97 -13.33
CA GLU B 256 24.95 -20.16 -13.59
C GLU B 256 24.69 -21.04 -14.81
N THR B 260 21.39 -14.42 -21.12
CA THR B 260 21.13 -15.78 -21.57
C THR B 260 20.24 -15.76 -22.83
N ALA B 261 20.29 -14.64 -23.54
CA ALA B 261 19.51 -14.47 -24.77
C ALA B 261 20.21 -13.49 -25.70
N GLY B 262 21.05 -14.02 -26.57
CA GLY B 262 21.82 -13.21 -27.50
C GLY B 262 23.12 -12.73 -26.88
N ILE B 263 23.19 -12.74 -25.55
CA ILE B 263 24.37 -12.25 -24.86
C ILE B 263 25.32 -13.39 -24.51
N VAL B 264 26.45 -13.44 -25.20
CA VAL B 264 27.45 -14.42 -24.88
C VAL B 264 28.62 -13.77 -24.09
N THR B 265 29.20 -12.69 -24.63
CA THR B 265 30.30 -11.98 -23.95
C THR B 265 29.77 -10.65 -23.39
N PRO B 266 30.50 -10.03 -22.46
CA PRO B 266 30.09 -8.70 -21.99
C PRO B 266 30.15 -7.64 -23.09
N TYR B 267 30.94 -7.86 -24.13
CA TYR B 267 30.92 -6.93 -25.27
C TYR B 267 29.57 -6.99 -26.00
N ASP B 268 28.97 -8.17 -26.08
CA ASP B 268 27.64 -8.32 -26.67
C ASP B 268 26.62 -7.37 -26.03
N ILE B 269 26.76 -7.11 -24.74
CA ILE B 269 25.80 -6.26 -24.04
C ILE B 269 25.94 -4.82 -24.50
N LEU B 270 27.18 -4.35 -24.62
CA LEU B 270 27.45 -3.01 -25.18
C LEU B 270 26.88 -2.93 -26.58
N LYS B 271 27.06 -3.98 -27.37
CA LYS B 271 26.54 -3.96 -28.75
C LYS B 271 25.02 -3.85 -28.80
N GLN B 272 24.34 -4.45 -27.82
CA GLN B 272 22.88 -4.35 -27.77
C GLN B 272 22.44 -2.96 -27.33
N GLU B 273 23.19 -2.39 -26.39
CA GLU B 273 22.82 -1.13 -25.80
C GLU B 273 23.17 0.10 -26.67
N LEU B 274 24.31 0.08 -27.33
CA LEU B 274 24.86 1.30 -27.91
C LEU B 274 24.81 1.29 -29.45
N ASP B 275 24.67 2.47 -30.04
CA ASP B 275 24.52 2.62 -31.48
C ASP B 275 25.82 2.33 -32.21
N GLU B 276 25.82 1.28 -33.04
CA GLU B 276 26.94 0.99 -33.94
C GLU B 276 28.24 0.84 -33.17
N PHE B 277 28.15 0.23 -32.00
CA PHE B 277 29.31 0.05 -31.15
C PHE B 277 30.46 -0.65 -31.86
N ASN B 278 31.63 -0.02 -31.82
CA ASN B 278 32.81 -0.55 -32.49
C ASN B 278 33.74 -1.13 -31.45
N GLU B 279 33.75 -2.46 -31.34
CA GLU B 279 34.51 -3.11 -30.27
C GLU B 279 36.01 -2.84 -30.35
N VAL B 280 36.58 -2.93 -31.54
CA VAL B 280 38.02 -2.69 -31.70
C VAL B 280 38.36 -1.26 -31.25
N ALA B 281 37.56 -0.28 -31.71
CA ALA B 281 37.76 1.12 -31.34
C ALA B 281 37.64 1.32 -29.84
N PHE B 282 36.68 0.63 -29.22
CA PHE B 282 36.48 0.74 -27.79
C PHE B 282 37.72 0.25 -27.05
N GLU B 283 38.23 -0.91 -27.44
CA GLU B 283 39.46 -1.44 -26.84
C GLU B 283 40.65 -0.51 -27.11
N ASN B 284 40.73 0.07 -28.31
CA ASN B 284 41.77 1.07 -28.58
C ASN B 284 41.70 2.23 -27.59
N GLU B 285 40.48 2.72 -27.35
CA GLU B 285 40.28 3.92 -26.56
C GLU B 285 40.67 3.67 -25.09
N ILE B 286 40.10 2.63 -24.48
CA ILE B 286 40.40 2.41 -23.05
C ILE B 286 41.85 1.98 -22.86
N ASN B 287 42.55 1.62 -23.93
CA ASN B 287 43.96 1.25 -23.81
C ASN B 287 44.91 2.29 -24.42
N LYS B 288 44.36 3.46 -24.70
CA LYS B 288 45.14 4.63 -25.09
C LYS B 288 45.98 4.38 -26.33
N ARG B 289 45.41 3.69 -27.31
CA ARG B 289 46.09 3.50 -28.60
C ARG B 289 45.17 3.87 -29.77
N ASP B 290 44.09 4.60 -29.51
CA ASP B 290 43.24 5.13 -30.58
C ASP B 290 43.94 6.31 -31.26
N GLY B 291 43.51 6.62 -32.48
CA GLY B 291 44.15 7.65 -33.29
C GLY B 291 44.13 9.02 -32.63
N ALA B 292 43.02 9.37 -31.96
CA ALA B 292 42.88 10.71 -31.37
C ALA B 292 43.85 10.91 -30.20
N TYR B 293 43.96 9.90 -29.34
CA TYR B 293 44.87 9.99 -28.21
C TYR B 293 46.32 10.01 -28.64
N ILE B 294 46.66 9.20 -29.63
CA ILE B 294 48.05 9.18 -30.12
C ILE B 294 48.40 10.54 -30.71
N GLU B 295 47.49 11.10 -31.47
CA GLU B 295 47.74 12.36 -32.15
C GLU B 295 47.94 13.49 -31.13
N LEU B 296 47.14 13.48 -30.07
CA LEU B 296 47.09 14.60 -29.15
C LEU B 296 48.10 14.52 -28.00
N CYS B 297 48.42 13.30 -27.57
CA CYS B 297 49.17 13.09 -26.32
C CYS B 297 50.47 12.31 -26.42
N VAL B 298 50.77 11.75 -27.59
CA VAL B 298 52.04 11.06 -27.77
C VAL B 298 53.02 11.89 -28.62
N CYS B 299 54.05 12.41 -27.97
CA CYS B 299 54.97 13.31 -28.64
C CYS B 299 55.68 12.65 -29.83
N SER B 300 56.24 11.47 -29.62
CA SER B 300 56.97 10.79 -30.68
C SER B 300 56.31 9.48 -31.08
C1 EDO C . -39.05 -13.09 15.64
O1 EDO C . -38.80 -14.43 15.26
C2 EDO C . -37.81 -12.51 16.34
O2 EDO C . -37.64 -13.05 17.62
H11 EDO C . -39.88 -13.06 16.31
H12 EDO C . -39.27 -12.50 14.76
HO1 EDO C . -37.79 -14.52 14.88
H21 EDO C . -37.92 -11.43 16.42
H22 EDO C . -36.93 -12.73 15.74
HO2 EDO C . -38.24 -12.51 18.32
C1 EDO D . -19.41 11.52 5.59
O1 EDO D . -19.23 10.13 5.58
C2 EDO D . -19.69 12.00 7.01
O2 EDO D . -18.51 12.41 7.65
H11 EDO D . -20.23 11.78 4.95
H12 EDO D . -18.50 11.99 5.22
HO1 EDO D . -18.19 9.89 5.71
H21 EDO D . -20.15 11.20 7.57
H22 EDO D . -20.38 12.84 6.97
HO2 EDO D . -18.69 12.52 8.71
C1 EDO E . -41.54 0.58 9.35
O1 EDO E . -41.99 -0.46 8.52
C2 EDO E . -41.53 0.09 10.79
O2 EDO E . -42.72 0.50 11.41
H11 EDO E . -42.19 1.43 9.26
H12 EDO E . -40.54 0.86 9.06
HO1 EDO E . -42.77 -1.02 9.02
H21 EDO E . -40.68 0.51 11.32
H22 EDO E . -41.46 -1.00 10.81
HO2 EDO E . -42.66 1.56 11.62
C1 EDO F . -42.20 0.35 14.65
O1 EDO F . -41.86 0.63 15.99
C2 EDO F . -42.57 -1.13 14.56
O2 EDO F . -43.30 -1.43 15.73
H11 EDO F . -41.36 0.55 14.01
H12 EDO F . -43.04 0.96 14.35
HO1 EDO F . -40.92 0.15 16.22
H21 EDO F . -41.67 -1.73 14.53
H22 EDO F . -43.17 -1.31 13.69
HO2 EDO F . -44.03 -2.19 15.51
C1 EDO G . -19.07 -4.35 19.47
O1 EDO G . -18.22 -4.72 18.40
C2 EDO G . -18.30 -4.40 20.79
O2 EDO G . -17.53 -3.24 20.94
H11 EDO G . -19.91 -5.03 19.52
H12 EDO G . -19.43 -3.34 19.30
HO1 EDO G . -18.81 -5.19 17.63
H21 EDO G . -17.66 -5.27 20.80
H22 EDO G . -19.00 -4.47 21.60
HO2 EDO G . -16.83 -3.37 21.76
C1 EDO H . -39.77 -15.33 17.85
O1 EDO H . -40.77 -16.19 17.37
C2 EDO H . -39.39 -15.71 19.28
O2 EDO H . -38.28 -16.56 19.26
H11 EDO H . -40.12 -14.32 17.82
H12 EDO H . -38.89 -15.42 17.21
HO1 EDO H . -41.01 -15.93 16.34
H21 EDO H . -40.22 -16.20 19.76
H22 EDO H . -39.15 -14.81 19.84
HO2 EDO H . -38.33 -17.20 18.41
P PO4 I . -2.51 -0.61 -5.42
O1 PO4 I . -2.81 -0.22 -4.00
O2 PO4 I . -1.17 -1.33 -5.47
O3 PO4 I . -2.46 0.63 -6.27
O4 PO4 I . -3.59 -1.53 -5.92
P PO4 J . -1.97 -6.34 -3.67
O1 PO4 J . -2.67 -6.22 -2.33
O2 PO4 J . -1.21 -5.06 -3.95
O3 PO4 J . -2.99 -6.57 -4.76
O4 PO4 J . -1.03 -7.51 -3.61
C1 EDO K . 32.76 2.68 -29.65
O1 EDO K . 33.81 2.82 -30.57
C2 EDO K . 33.25 3.15 -28.27
O2 EDO K . 33.51 4.53 -28.32
H11 EDO K . 32.46 1.64 -29.58
H12 EDO K . 31.91 3.29 -29.96
HO1 EDO K . 34.43 3.64 -30.27
H21 EDO K . 34.16 2.63 -28.02
H22 EDO K . 32.50 2.96 -27.53
HO2 EDO K . 34.17 4.81 -27.51
C1 EDO L . 21.53 -9.57 -1.06
O1 EDO L . 20.88 -8.73 -1.99
C2 EDO L . 22.82 -8.92 -0.59
O2 EDO L . 22.54 -7.86 0.29
H11 EDO L . 21.75 -10.52 -1.52
H12 EDO L . 20.87 -9.74 -0.21
HO1 EDO L . 20.05 -8.25 -1.51
H21 EDO L . 23.36 -8.53 -1.44
H22 EDO L . 23.42 -9.65 -0.09
HO2 EDO L . 22.42 -6.95 -0.27
C1 EDO M . 37.36 -8.20 -20.69
O1 EDO M . 38.71 -8.55 -20.79
C2 EDO M . 36.49 -9.45 -20.88
O2 EDO M . 36.88 -10.17 -22.03
H11 EDO M . 37.12 -7.47 -21.45
H12 EDO M . 37.17 -7.77 -19.71
HO1 EDO M . 39.18 -8.45 -19.82
H21 EDO M . 35.46 -9.15 -20.97
H22 EDO M . 36.60 -10.09 -20.02
HO2 EDO M . 36.20 -9.94 -22.83
C1 EDO N . 23.27 9.55 -11.36
O1 EDO N . 22.12 8.74 -11.27
C2 EDO N . 23.17 10.80 -10.50
O2 EDO N . 22.44 10.51 -9.34
H11 EDO N . 23.41 9.83 -12.40
H12 EDO N . 24.13 8.97 -11.05
HO1 EDO N . 21.72 8.82 -10.27
H21 EDO N . 22.67 11.58 -11.06
H22 EDO N . 24.16 11.12 -10.22
HO2 EDO N . 22.01 11.41 -8.96
C1 EDO O . 23.96 -8.66 -29.80
O1 EDO O . 23.91 -9.79 -28.98
C2 EDO O . 25.37 -8.11 -29.72
O2 EDO O . 26.23 -9.04 -30.33
H11 EDO O . 23.25 -7.92 -29.45
H12 EDO O . 23.72 -8.93 -30.82
HO1 EDO O . 24.87 -10.29 -29.02
H21 EDO O . 25.65 -7.98 -28.68
H22 EDO O . 25.44 -7.17 -30.24
HO2 EDO O . 26.95 -9.40 -29.59
P PO4 P . 8.07 -14.32 -15.35
O1 PO4 P . 7.88 -14.37 -13.84
O2 PO4 P . 9.31 -15.08 -15.71
O3 PO4 P . 8.15 -12.89 -15.81
O4 PO4 P . 6.88 -15.01 -15.96
P PO4 Q . 20.45 10.48 5.95
O1 PO4 Q . 19.18 9.86 6.49
O2 PO4 Q . 20.15 11.35 4.75
O3 PO4 Q . 21.08 11.35 7.02
O4 PO4 Q . 21.41 9.40 5.58
#